data_2QSX
#
_entry.id   2QSX
#
_cell.length_a   47.291
_cell.length_b   83.110
_cell.length_c   95.509
_cell.angle_alpha   90.00
_cell.angle_beta   90.00
_cell.angle_gamma   90.00
#
_symmetry.space_group_name_H-M   'P 21 21 21'
#
loop_
_entity.id
_entity.type
_entity.pdbx_description
1 polymer 'Putative transcriptional regulator, LysR family'
2 non-polymer 'SULFATE ION'
3 water water
#
_entity_poly.entity_id   1
_entity_poly.type   'polypeptide(L)'
_entity_poly.pdbx_seq_one_letter_code
;SNAIQHATASLIQTNTDQELLVVDVTPSFASLWLVPNINDFHQRHPNIRVKILTGDGAVKNIHGESDLHVRCLPLSTHYE
YSQLLCEETLLLIGNTNLPKLSDNQAISHYPFIPQTTRPQLWEQFKQENDLECPITYHSVGFEHFYLACEAVR(MSE)EK
GLALLPDF(MSE)AQFSILRGDIQHIGNLKLHSGYGYYVVIPNFRLTSRKVALFHDWLKDKLTHHT
;
_entity_poly.pdbx_strand_id   A,B
#
# COMPACT_ATOMS: atom_id res chain seq x y z
N GLU A 19 10.31 9.23 -22.70
CA GLU A 19 9.18 10.09 -22.24
C GLU A 19 8.80 9.61 -20.84
N LEU A 20 8.15 10.48 -20.07
CA LEU A 20 7.67 10.10 -18.73
C LEU A 20 6.16 10.10 -18.75
N LEU A 21 5.57 9.04 -18.23
CA LEU A 21 4.13 9.02 -18.08
C LEU A 21 3.85 8.96 -16.59
N VAL A 22 3.01 9.86 -16.07
CA VAL A 22 2.63 9.85 -14.65
C VAL A 22 1.19 9.36 -14.57
N VAL A 23 0.99 8.28 -13.82
CA VAL A 23 -0.37 7.75 -13.62
C VAL A 23 -0.74 7.82 -12.15
N ASP A 24 -2.03 8.01 -11.91
CA ASP A 24 -2.53 8.16 -10.55
C ASP A 24 -3.64 7.11 -10.39
N VAL A 25 -3.38 6.11 -9.57
CA VAL A 25 -4.34 4.99 -9.43
C VAL A 25 -4.65 4.72 -7.96
N THR A 26 -5.63 3.87 -7.66
CA THR A 26 -5.97 3.71 -6.22
C THR A 26 -4.78 3.03 -5.50
N PRO A 27 -4.64 3.27 -4.19
CA PRO A 27 -3.50 2.66 -3.49
C PRO A 27 -3.36 1.15 -3.76
N SER A 28 -4.48 0.45 -3.76
CA SER A 28 -4.44 -1.00 -3.92
C SER A 28 -4.29 -1.41 -5.38
N PHE A 29 -4.91 -0.63 -6.29
CA PHE A 29 -4.71 -0.92 -7.73
C PHE A 29 -3.19 -0.90 -8.01
N ALA A 30 -2.50 0.06 -7.40
CA ALA A 30 -1.05 0.18 -7.57
C ALA A 30 -0.29 -1.07 -7.12
N SER A 31 -0.45 -1.46 -5.84
CA SER A 31 0.43 -2.51 -5.31
C SER A 31 -0.05 -3.91 -5.75
N LEU A 32 -1.35 -4.09 -5.80
CA LEU A 32 -1.92 -5.41 -6.00
C LEU A 32 -2.08 -5.84 -7.45
N TRP A 33 -2.15 -4.86 -8.36
CA TRP A 33 -2.25 -5.17 -9.78
C TRP A 33 -1.17 -4.48 -10.66
N LEU A 34 -1.01 -3.17 -10.53
CA LEU A 34 -0.18 -2.43 -11.51
C LEU A 34 1.29 -2.80 -11.36
N VAL A 35 1.78 -2.84 -10.13
CA VAL A 35 3.19 -3.19 -9.95
C VAL A 35 3.53 -4.62 -10.48
N PRO A 36 2.73 -5.64 -10.12
CA PRO A 36 2.95 -6.98 -10.72
C PRO A 36 2.85 -7.09 -12.24
N ASN A 37 2.08 -6.18 -12.88
CA ASN A 37 1.79 -6.28 -14.32
C ASN A 37 2.49 -5.31 -15.24
N ILE A 38 3.08 -4.25 -14.69
CA ILE A 38 3.52 -3.15 -15.55
C ILE A 38 4.71 -3.51 -16.45
N ASN A 39 5.44 -4.56 -16.09
N ASN A 39 5.43 -4.58 -16.08
CA ASN A 39 6.52 -4.99 -16.98
CA ASN A 39 6.47 -5.08 -16.96
C ASN A 39 6.02 -5.42 -18.38
C ASN A 39 5.99 -5.37 -18.37
N ASP A 40 4.76 -5.87 -18.47
CA ASP A 40 4.16 -6.19 -19.77
C ASP A 40 3.98 -4.91 -20.63
N PHE A 41 3.64 -3.81 -19.95
CA PHE A 41 3.57 -2.52 -20.65
C PHE A 41 4.96 -2.13 -21.17
N HIS A 42 5.99 -2.29 -20.33
CA HIS A 42 7.34 -1.94 -20.76
C HIS A 42 7.88 -2.87 -21.84
N GLN A 43 7.36 -4.08 -21.86
CA GLN A 43 7.62 -5.04 -22.92
C GLN A 43 7.13 -4.48 -24.27
N ARG A 44 5.96 -3.84 -24.27
CA ARG A 44 5.40 -3.19 -25.46
C ARG A 44 6.12 -1.90 -25.79
N HIS A 45 6.41 -1.10 -24.75
CA HIS A 45 6.85 0.30 -24.90
C HIS A 45 8.00 0.60 -23.94
N PRO A 46 9.19 0.06 -24.26
CA PRO A 46 10.35 0.13 -23.35
C PRO A 46 10.91 1.53 -23.06
N ASN A 47 10.60 2.49 -23.93
CA ASN A 47 11.06 3.89 -23.82
C ASN A 47 10.18 4.79 -22.93
N ILE A 48 9.06 4.27 -22.46
CA ILE A 48 8.17 5.12 -21.69
C ILE A 48 8.41 4.82 -20.21
N ARG A 49 9.12 5.74 -19.54
CA ARG A 49 9.27 5.69 -18.08
C ARG A 49 7.92 5.99 -17.41
N VAL A 50 7.69 5.41 -16.22
CA VAL A 50 6.42 5.62 -15.50
C VAL A 50 6.67 6.05 -14.07
N LYS A 51 5.86 6.97 -13.58
CA LYS A 51 5.78 7.26 -12.16
C LYS A 51 4.37 6.90 -11.73
N ILE A 52 4.27 6.12 -10.66
CA ILE A 52 2.99 5.66 -10.15
C ILE A 52 2.71 6.42 -8.86
N LEU A 53 1.66 7.25 -8.91
CA LEU A 53 1.11 7.99 -7.76
C LEU A 53 -0.16 7.31 -7.33
N THR A 54 -0.55 7.52 -6.08
CA THR A 54 -1.83 6.94 -5.60
C THR A 54 -2.80 7.96 -5.10
N GLY A 55 -4.09 7.68 -5.28
CA GLY A 55 -5.13 8.61 -4.82
C GLY A 55 -6.45 7.90 -4.89
N ASP A 56 -7.45 8.43 -4.21
CA ASP A 56 -8.78 7.82 -4.28
C ASP A 56 -9.88 8.85 -4.20
N GLY A 57 -9.54 10.12 -4.39
CA GLY A 57 -10.51 11.21 -4.34
C GLY A 57 -10.92 11.68 -5.72
N ALA A 58 -11.64 12.81 -5.74
CA ALA A 58 -12.09 13.41 -7.00
C ALA A 58 -10.90 13.80 -7.86
N VAL A 59 -10.96 13.40 -9.13
CA VAL A 59 -9.98 13.80 -10.13
C VAL A 59 -10.11 15.31 -10.37
N GLU A 65 1.05 17.01 -11.32
CA GLU A 65 -0.19 16.27 -11.57
C GLU A 65 0.04 15.14 -12.58
N SER A 66 -1.04 14.45 -12.88
CA SER A 66 -0.91 13.17 -13.53
C SER A 66 -1.45 13.24 -14.93
N ASP A 67 -1.06 12.24 -15.72
CA ASP A 67 -1.44 12.13 -17.12
C ASP A 67 -2.67 11.25 -17.34
N LEU A 68 -3.01 10.42 -16.33
CA LEU A 68 -4.10 9.46 -16.44
C LEU A 68 -4.45 9.02 -15.04
N HIS A 69 -5.74 8.85 -14.79
CA HIS A 69 -6.21 8.43 -13.47
C HIS A 69 -7.01 7.13 -13.57
N VAL A 70 -6.87 6.28 -12.54
CA VAL A 70 -7.78 5.16 -12.39
C VAL A 70 -8.49 5.32 -11.04
N ARG A 71 -9.82 5.31 -11.08
CA ARG A 71 -10.64 5.45 -9.85
C ARG A 71 -11.68 4.36 -9.78
N CYS A 72 -12.14 4.04 -8.57
CA CYS A 72 -13.16 3.02 -8.38
C CYS A 72 -14.44 3.69 -7.93
N LEU A 73 -15.48 3.63 -8.80
CA LEU A 73 -16.72 4.39 -8.61
C LEU A 73 -17.90 3.44 -8.74
N PRO A 74 -19.06 3.77 -8.12
CA PRO A 74 -20.30 3.00 -8.38
C PRO A 74 -20.58 3.00 -9.88
N LEU A 75 -21.08 1.89 -10.42
CA LEU A 75 -21.32 1.78 -11.86
C LEU A 75 -22.40 2.78 -12.24
N SER A 76 -22.15 3.56 -13.28
CA SER A 76 -23.14 4.51 -13.74
C SER A 76 -22.93 4.75 -15.22
N THR A 77 -24.00 5.07 -15.95
CA THR A 77 -23.85 5.49 -17.33
C THR A 77 -23.89 7.02 -17.45
N HIS A 78 -23.86 7.74 -16.33
CA HIS A 78 -24.03 9.21 -16.33
C HIS A 78 -22.73 9.96 -16.15
N TYR A 79 -21.61 9.28 -15.97
CA TYR A 79 -20.34 9.98 -15.88
C TYR A 79 -20.05 10.67 -17.22
N GLU A 80 -19.47 11.86 -17.18
CA GLU A 80 -19.30 12.66 -18.41
C GLU A 80 -18.18 12.17 -19.34
N TYR A 81 -16.98 11.99 -18.78
CA TYR A 81 -15.79 11.65 -19.57
C TYR A 81 -14.94 10.60 -18.86
N SER A 82 -15.61 9.64 -18.24
CA SER A 82 -14.95 8.52 -17.55
C SER A 82 -15.18 7.32 -18.42
N GLN A 83 -14.18 6.46 -18.57
CA GLN A 83 -14.32 5.29 -19.40
C GLN A 83 -14.19 4.02 -18.57
N LEU A 84 -15.28 3.26 -18.51
CA LEU A 84 -15.31 2.03 -17.71
C LEU A 84 -14.28 1.03 -18.20
N LEU A 85 -13.38 0.65 -17.30
CA LEU A 85 -12.35 -0.32 -17.59
C LEU A 85 -12.87 -1.73 -17.34
N CYS A 86 -13.36 -2.00 -16.12
CA CYS A 86 -13.93 -3.29 -15.77
C CYS A 86 -14.83 -3.14 -14.57
N GLU A 87 -15.87 -3.96 -14.51
CA GLU A 87 -16.73 -4.00 -13.33
C GLU A 87 -15.97 -4.70 -12.21
N GLU A 88 -16.29 -4.35 -10.97
CA GLU A 88 -15.64 -4.97 -9.80
C GLU A 88 -16.29 -6.27 -9.36
N THR A 89 -15.53 -7.36 -9.42
CA THR A 89 -15.96 -8.66 -8.89
C THR A 89 -15.00 -8.98 -7.77
N LEU A 90 -15.56 -9.09 -6.57
CA LEU A 90 -14.80 -9.35 -5.37
C LEU A 90 -14.73 -10.84 -5.08
N LEU A 91 -13.56 -11.31 -4.67
CA LEU A 91 -13.41 -12.71 -4.23
C LEU A 91 -13.31 -12.78 -2.73
N LEU A 92 -13.82 -13.86 -2.14
CA LEU A 92 -13.64 -14.12 -0.73
C LEU A 92 -12.23 -14.68 -0.55
N ILE A 93 -11.42 -13.98 0.25
N ILE A 93 -11.40 -13.98 0.22
CA ILE A 93 -10.01 -14.28 0.44
CA ILE A 93 -10.00 -14.37 0.40
C ILE A 93 -9.68 -14.69 1.88
C ILE A 93 -9.62 -14.65 1.85
N GLY A 94 -8.82 -15.70 2.04
CA GLY A 94 -8.29 -16.05 3.35
C GLY A 94 -6.81 -16.39 3.26
N ASN A 95 -6.19 -16.67 4.40
CA ASN A 95 -4.77 -16.96 4.34
C ASN A 95 -4.51 -18.33 3.75
N THR A 96 -3.29 -18.52 3.26
CA THR A 96 -2.92 -19.66 2.46
C THR A 96 -3.04 -20.93 3.29
N ASN A 97 -2.99 -20.78 4.60
CA ASN A 97 -3.10 -21.92 5.49
C ASN A 97 -4.51 -22.19 6.04
N LEU A 98 -5.52 -21.58 5.42
CA LEU A 98 -6.89 -22.00 5.69
C LEU A 98 -7.19 -23.37 5.10
N PRO A 99 -7.71 -24.28 5.94
CA PRO A 99 -8.26 -25.55 5.50
C PRO A 99 -9.52 -25.35 4.65
N ILE A 107 -16.82 -21.21 6.83
CA ILE A 107 -16.25 -19.85 6.82
C ILE A 107 -16.75 -19.09 8.06
N SER A 108 -17.80 -19.63 8.67
CA SER A 108 -18.44 -19.05 9.85
C SER A 108 -17.48 -18.91 11.03
N HIS A 109 -16.46 -19.76 11.10
CA HIS A 109 -15.46 -19.75 12.19
C HIS A 109 -14.46 -18.58 12.15
N TYR A 110 -14.51 -17.76 11.10
CA TYR A 110 -13.51 -16.74 10.89
C TYR A 110 -14.07 -15.32 10.96
N PRO A 111 -13.33 -14.38 11.56
CA PRO A 111 -13.76 -12.96 11.58
C PRO A 111 -13.73 -12.37 10.17
N PHE A 112 -14.62 -11.40 9.90
CA PHE A 112 -14.66 -10.68 8.62
C PHE A 112 -13.97 -9.37 8.83
N ILE A 113 -13.07 -9.02 7.91
CA ILE A 113 -12.34 -7.79 8.03
C ILE A 113 -13.16 -6.67 7.39
N PRO A 114 -13.47 -5.61 8.19
CA PRO A 114 -14.28 -4.52 7.63
C PRO A 114 -13.52 -3.52 6.82
N GLN A 115 -14.11 -3.08 5.71
N GLN A 115 -14.13 -3.09 5.71
CA GLN A 115 -13.56 -1.95 4.99
CA GLN A 115 -13.63 -1.97 4.94
C GLN A 115 -14.52 -0.77 5.06
C GLN A 115 -14.59 -0.82 5.17
N THR A 116 -14.09 0.25 5.80
CA THR A 116 -14.95 1.31 6.30
C THR A 116 -15.63 2.17 5.22
N THR A 117 -14.99 2.26 4.05
CA THR A 117 -15.54 2.98 2.90
C THR A 117 -16.67 2.17 2.21
N ARG A 118 -16.79 0.90 2.58
CA ARG A 118 -17.78 0.00 2.00
C ARG A 118 -18.53 -0.76 3.10
N PRO A 119 -19.29 -0.03 3.94
CA PRO A 119 -19.94 -0.66 5.11
C PRO A 119 -21.02 -1.73 4.82
N GLN A 120 -21.51 -1.75 3.59
CA GLN A 120 -22.56 -2.66 3.12
C GLN A 120 -22.08 -4.02 2.64
N LEU A 121 -20.77 -4.14 2.36
CA LEU A 121 -20.27 -5.23 1.53
C LEU A 121 -20.49 -6.64 2.13
N TRP A 122 -20.26 -6.79 3.42
CA TRP A 122 -20.35 -8.08 4.06
C TRP A 122 -21.81 -8.55 4.11
N GLU A 123 -22.71 -7.65 4.49
CA GLU A 123 -24.17 -7.93 4.41
C GLU A 123 -24.57 -8.40 3.02
N GLN A 124 -24.11 -7.66 2.01
CA GLN A 124 -24.41 -7.94 0.61
C GLN A 124 -23.77 -9.22 0.09
N PHE A 125 -22.57 -9.53 0.58
CA PHE A 125 -21.95 -10.82 0.32
C PHE A 125 -22.80 -11.92 0.92
N LYS A 126 -23.25 -11.67 2.15
CA LYS A 126 -24.09 -12.59 2.91
C LYS A 126 -25.50 -12.81 2.32
N GLN A 127 -25.97 -11.91 1.43
CA GLN A 127 -27.27 -12.13 0.76
C GLN A 127 -27.25 -13.17 -0.37
N GLU A 128 -26.06 -13.46 -0.88
N GLU A 128 -26.06 -13.54 -0.82
CA GLU A 128 -25.84 -14.74 -1.54
CA GLU A 128 -25.90 -14.76 -1.62
C GLU A 128 -25.44 -15.68 -0.42
C GLU A 128 -25.20 -15.85 -0.80
N ASN A 129 -25.94 -16.91 -0.48
CA ASN A 129 -25.44 -17.97 0.39
C ASN A 129 -25.32 -19.31 -0.35
N ILE A 135 -21.48 -11.21 10.40
CA ILE A 135 -21.47 -11.30 11.86
C ILE A 135 -20.11 -11.71 12.39
N THR A 136 -19.64 -10.98 13.42
CA THR A 136 -18.26 -10.98 13.92
C THR A 136 -17.24 -10.34 12.95
N TYR A 137 -17.09 -9.02 13.12
CA TYR A 137 -16.07 -8.26 12.41
C TYR A 137 -14.81 -8.23 13.25
N HIS A 138 -13.68 -8.00 12.58
CA HIS A 138 -12.41 -7.78 13.25
C HIS A 138 -12.38 -6.36 13.80
N SER A 139 -11.65 -6.18 14.91
CA SER A 139 -11.60 -4.90 15.64
C SER A 139 -10.72 -3.78 15.03
N VAL A 140 -10.18 -4.01 13.83
CA VAL A 140 -9.33 -3.00 13.15
C VAL A 140 -9.82 -2.63 11.74
N GLY A 141 -9.72 -1.31 11.41
CA GLY A 141 -9.48 -0.71 10.00
C GLY A 141 -10.48 -1.24 9.01
N PHE A 142 -10.45 -0.93 7.69
CA PHE A 142 -9.46 -0.23 6.85
C PHE A 142 -10.21 0.50 5.72
N GLU A 143 -9.64 1.52 5.05
CA GLU A 143 -10.32 2.03 3.86
C GLU A 143 -9.86 1.37 2.57
N HIS A 144 -8.67 0.77 2.61
CA HIS A 144 -8.05 0.27 1.37
C HIS A 144 -7.92 -1.23 1.30
N PHE A 145 -8.22 -1.77 0.12
CA PHE A 145 -8.01 -3.19 -0.11
C PHE A 145 -6.63 -3.74 0.29
N TYR A 146 -5.57 -2.98 0.05
CA TYR A 146 -4.21 -3.51 0.25
C TYR A 146 -3.98 -3.71 1.75
N LEU A 147 -4.73 -2.98 2.57
CA LEU A 147 -4.62 -3.16 4.03
C LEU A 147 -5.41 -4.39 4.48
N ALA A 148 -6.59 -4.59 3.89
CA ALA A 148 -7.36 -5.82 4.13
C ALA A 148 -6.53 -7.05 3.75
N CYS A 149 -5.86 -6.98 2.60
CA CYS A 149 -5.00 -8.09 2.13
C CYS A 149 -3.90 -8.37 3.16
N GLU A 150 -3.23 -7.33 3.65
CA GLU A 150 -2.20 -7.57 4.65
C GLU A 150 -2.81 -8.20 5.89
N ALA A 151 -3.99 -7.68 6.29
CA ALA A 151 -4.68 -8.26 7.45
C ALA A 151 -4.95 -9.77 7.27
N VAL A 152 -5.31 -10.18 6.04
CA VAL A 152 -5.46 -11.62 5.76
C VAL A 152 -4.13 -12.35 5.95
N ARG A 153 -3.06 -11.80 5.37
CA ARG A 153 -1.73 -12.39 5.59
C ARG A 153 -1.37 -12.52 7.09
N GLU A 155 -3.36 -13.27 9.40
CA GLU A 155 -4.33 -14.24 9.95
C GLU A 155 -5.46 -13.57 10.75
N LYS A 156 -5.87 -12.39 10.31
CA LYS A 156 -6.88 -11.64 11.08
C LYS A 156 -8.29 -11.96 10.67
N GLY A 157 -8.47 -12.69 9.56
CA GLY A 157 -9.78 -13.07 9.12
C GLY A 157 -9.86 -13.18 7.60
N LEU A 158 -11.08 -13.03 7.09
CA LEU A 158 -11.37 -13.15 5.68
C LEU A 158 -11.68 -11.76 5.14
N ALA A 159 -11.38 -11.55 3.87
CA ALA A 159 -11.54 -10.24 3.25
C ALA A 159 -12.19 -10.44 1.92
N LEU A 160 -12.73 -9.35 1.38
CA LEU A 160 -13.21 -9.34 0.01
C LEU A 160 -12.23 -8.48 -0.79
N LEU A 161 -11.73 -9.04 -1.88
N LEU A 161 -11.68 -9.05 -1.85
CA LEU A 161 -10.75 -8.33 -2.70
CA LEU A 161 -10.73 -8.32 -2.71
C LEU A 161 -11.09 -8.48 -4.18
C LEU A 161 -11.12 -8.47 -4.18
N PRO A 162 -10.93 -7.38 -4.97
CA PRO A 162 -11.18 -7.53 -6.41
C PRO A 162 -10.37 -8.67 -7.04
N ASP A 163 -11.01 -9.44 -7.93
CA ASP A 163 -10.34 -10.60 -8.55
C ASP A 163 -8.99 -10.29 -9.18
N PHE A 164 -8.92 -9.22 -9.96
CA PHE A 164 -7.63 -8.91 -10.62
C PHE A 164 -6.55 -8.48 -9.61
N ALA A 166 -6.45 -9.73 -6.49
CA ALA A 166 -6.05 -10.98 -5.77
C ALA A 166 -5.12 -11.86 -6.60
N GLN A 167 -5.16 -11.71 -7.92
CA GLN A 167 -4.61 -12.72 -8.83
C GLN A 167 -3.15 -13.08 -8.56
N PHE A 168 -2.26 -12.09 -8.57
CA PHE A 168 -0.86 -12.47 -8.41
C PHE A 168 -0.54 -12.93 -6.99
N SER A 169 -1.13 -12.23 -5.99
CA SER A 169 -0.95 -12.67 -4.59
C SER A 169 -1.38 -14.14 -4.35
N ILE A 170 -2.44 -14.55 -5.03
CA ILE A 170 -2.84 -15.96 -5.03
C ILE A 170 -1.77 -16.85 -5.68
N LEU A 171 -1.34 -16.44 -6.88
N LEU A 171 -1.33 -16.47 -6.89
CA LEU A 171 -0.33 -17.17 -7.64
CA LEU A 171 -0.36 -17.29 -7.60
C LEU A 171 0.90 -17.49 -6.81
C LEU A 171 0.91 -17.52 -6.77
N ARG A 172 1.39 -16.46 -6.12
CA ARG A 172 2.64 -16.55 -5.37
C ARG A 172 2.47 -17.11 -3.96
N GLY A 173 1.22 -17.40 -3.60
CA GLY A 173 0.89 -18.18 -2.39
C GLY A 173 0.73 -17.32 -1.13
N ASP A 174 0.50 -16.02 -1.30
CA ASP A 174 0.28 -15.14 -0.15
C ASP A 174 -1.11 -15.39 0.48
N ILE A 175 -2.06 -15.67 -0.40
CA ILE A 175 -3.49 -15.75 -0.04
C ILE A 175 -4.17 -16.82 -0.89
N GLN A 176 -5.42 -17.15 -0.54
CA GLN A 176 -6.17 -18.08 -1.37
C GLN A 176 -7.62 -17.63 -1.50
N HIS A 177 -8.26 -18.06 -2.57
CA HIS A 177 -9.65 -17.77 -2.78
C HIS A 177 -10.44 -18.88 -2.12
N ILE A 178 -11.32 -18.49 -1.19
CA ILE A 178 -12.14 -19.45 -0.40
C ILE A 178 -13.43 -19.80 -1.13
N GLY A 179 -13.60 -21.10 -1.38
CA GLY A 179 -14.90 -21.67 -1.78
C GLY A 179 -15.48 -21.24 -3.12
N ASN A 180 -14.64 -20.63 -3.95
CA ASN A 180 -15.08 -20.03 -5.22
C ASN A 180 -16.19 -18.97 -5.03
N LEU A 181 -16.29 -18.45 -3.81
CA LEU A 181 -17.30 -17.44 -3.46
C LEU A 181 -16.86 -16.06 -3.99
N LYS A 182 -17.82 -15.32 -4.53
CA LYS A 182 -17.57 -13.99 -5.09
C LYS A 182 -18.76 -13.03 -4.91
N LEU A 183 -18.55 -11.76 -5.23
CA LEU A 183 -19.61 -10.78 -5.12
C LEU A 183 -19.42 -9.71 -6.18
N HIS A 184 -20.46 -9.51 -7.01
CA HIS A 184 -20.48 -8.36 -7.90
C HIS A 184 -20.90 -7.17 -7.05
N SER A 185 -19.97 -6.23 -6.82
CA SER A 185 -20.14 -5.23 -5.75
C SER A 185 -21.01 -4.05 -6.21
N GLY A 186 -21.14 -3.85 -7.51
CA GLY A 186 -21.80 -2.65 -8.02
C GLY A 186 -20.88 -1.47 -8.33
N TYR A 187 -19.58 -1.63 -8.08
N TYR A 187 -19.58 -1.68 -8.13
CA TYR A 187 -18.58 -0.63 -8.45
CA TYR A 187 -18.56 -0.69 -8.46
C TYR A 187 -17.85 -1.04 -9.74
C TYR A 187 -17.87 -1.04 -9.77
N GLY A 188 -17.16 -0.06 -10.32
CA GLY A 188 -16.34 -0.30 -11.50
C GLY A 188 -15.04 0.49 -11.41
N TYR A 189 -14.05 0.06 -12.19
CA TYR A 189 -12.80 0.82 -12.34
C TYR A 189 -12.93 1.67 -13.57
N TYR A 190 -12.75 2.98 -13.38
CA TYR A 190 -12.83 3.96 -14.48
C TYR A 190 -11.52 4.66 -14.75
N VAL A 191 -11.26 4.85 -16.05
CA VAL A 191 -10.08 5.62 -16.46
C VAL A 191 -10.55 7.02 -16.82
N VAL A 192 -9.84 8.02 -16.31
CA VAL A 192 -10.09 9.43 -16.60
C VAL A 192 -8.84 10.00 -17.25
N ILE A 193 -9.01 10.54 -18.45
CA ILE A 193 -7.88 11.18 -19.14
C ILE A 193 -8.13 12.69 -19.03
N PRO A 194 -7.16 13.45 -18.46
CA PRO A 194 -7.39 14.90 -18.29
C PRO A 194 -7.48 15.60 -19.65
N ASN A 195 -8.12 16.77 -19.69
CA ASN A 195 -8.40 17.43 -20.97
C ASN A 195 -7.17 17.89 -21.74
N PHE A 196 -6.01 17.86 -21.10
CA PHE A 196 -4.76 18.28 -21.78
C PHE A 196 -3.99 17.10 -22.30
N ARG A 197 -4.54 15.91 -22.10
CA ARG A 197 -3.83 14.71 -22.55
C ARG A 197 -4.61 13.95 -23.63
N LEU A 198 -5.56 14.65 -24.25
CA LEU A 198 -6.51 13.99 -25.14
C LEU A 198 -5.92 13.45 -26.41
N THR A 199 -4.74 13.98 -26.80
CA THR A 199 -4.03 13.54 -28.01
C THR A 199 -2.67 12.95 -27.66
N SER A 200 -2.41 12.72 -26.37
CA SER A 200 -1.09 12.28 -25.98
C SER A 200 -0.86 10.79 -26.29
N ARG A 201 0.14 10.50 -27.13
CA ARG A 201 0.47 9.11 -27.52
C ARG A 201 0.72 8.20 -26.31
N LYS A 202 1.59 8.63 -25.40
CA LYS A 202 1.97 7.77 -24.26
C LYS A 202 0.76 7.41 -23.37
N VAL A 203 -0.16 8.37 -23.21
CA VAL A 203 -1.38 8.13 -22.45
C VAL A 203 -2.27 7.11 -23.15
N ALA A 204 -2.47 7.31 -24.46
CA ALA A 204 -3.32 6.42 -25.23
C ALA A 204 -2.74 5.01 -25.23
N LEU A 205 -1.44 4.91 -25.37
CA LEU A 205 -0.78 3.58 -25.34
C LEU A 205 -1.00 2.89 -24.00
N PHE A 206 -0.89 3.64 -22.89
CA PHE A 206 -1.09 3.05 -21.57
C PHE A 206 -2.53 2.64 -21.38
N HIS A 207 -3.46 3.49 -21.81
CA HIS A 207 -4.88 3.18 -21.72
C HIS A 207 -5.24 1.95 -22.54
N ASP A 208 -4.71 1.87 -23.77
CA ASP A 208 -4.96 0.70 -24.62
C ASP A 208 -4.50 -0.57 -23.92
N TRP A 209 -3.32 -0.50 -23.31
CA TRP A 209 -2.76 -1.63 -22.57
C TRP A 209 -3.67 -2.04 -21.39
N LEU A 210 -4.12 -1.06 -20.60
CA LEU A 210 -5.04 -1.36 -19.50
C LEU A 210 -6.27 -2.12 -20.00
N LYS A 211 -6.84 -1.64 -21.09
CA LYS A 211 -8.02 -2.22 -21.69
C LYS A 211 -7.73 -3.66 -22.14
N ASP A 212 -6.58 -3.85 -22.77
CA ASP A 212 -6.15 -5.18 -23.19
C ASP A 212 -6.06 -6.15 -22.00
N LYS A 213 -5.56 -5.65 -20.89
CA LYS A 213 -5.35 -6.51 -19.71
C LYS A 213 -6.57 -6.71 -18.83
N LEU A 214 -7.42 -5.69 -18.72
CA LEU A 214 -8.52 -5.71 -17.73
C LEU A 214 -9.95 -5.69 -18.26
N THR A 215 -10.15 -5.31 -19.52
CA THR A 215 -11.51 -5.23 -20.09
C THR A 215 -11.84 -6.57 -20.78
N LEU B 20 -13.59 3.82 20.28
CA LEU B 20 -12.93 3.86 18.94
C LEU B 20 -11.79 4.89 18.83
N LEU B 21 -10.60 4.41 18.45
CA LEU B 21 -9.45 5.24 18.18
C LEU B 21 -9.21 5.31 16.66
N VAL B 22 -9.11 6.51 16.10
CA VAL B 22 -8.85 6.65 14.68
C VAL B 22 -7.40 7.12 14.58
N VAL B 23 -6.56 6.35 13.90
CA VAL B 23 -5.16 6.75 13.70
C VAL B 23 -4.90 7.00 12.21
N ASP B 24 -4.04 7.95 11.91
CA ASP B 24 -3.75 8.32 10.53
C ASP B 24 -2.25 8.19 10.35
N VAL B 25 -1.81 7.25 9.54
CA VAL B 25 -0.36 6.95 9.43
C VAL B 25 0.04 6.84 7.96
N THR B 26 1.34 6.84 7.66
CA THR B 26 1.74 6.83 6.22
C THR B 26 1.23 5.53 5.56
N PRO B 27 0.94 5.55 4.25
CA PRO B 27 0.46 4.33 3.58
C PRO B 27 1.32 3.09 3.91
N SER B 28 2.64 3.28 3.92
CA SER B 28 3.58 2.11 4.16
C SER B 28 3.69 1.79 5.64
N PHE B 29 3.65 2.84 6.50
CA PHE B 29 3.68 2.57 7.95
C PHE B 29 2.53 1.62 8.25
N ALA B 30 1.40 1.86 7.57
CA ALA B 30 0.23 1.03 7.77
C ALA B 30 0.41 -0.45 7.39
N SER B 31 0.79 -0.74 6.16
CA SER B 31 0.86 -2.15 5.75
C SER B 31 2.11 -2.85 6.22
N LEU B 32 3.23 -2.13 6.26
CA LEU B 32 4.52 -2.76 6.50
C LEU B 32 4.86 -2.89 7.98
N TRP B 33 4.23 -2.08 8.84
CA TRP B 33 4.48 -2.16 10.27
C TRP B 33 3.21 -2.27 11.12
N LEU B 34 2.25 -1.37 10.93
CA LEU B 34 1.13 -1.30 11.91
C LEU B 34 0.24 -2.54 11.81
N VAL B 35 -0.16 -2.93 10.59
CA VAL B 35 -1.03 -4.10 10.51
C VAL B 35 -0.33 -5.38 11.04
N PRO B 36 0.95 -5.60 10.67
CA PRO B 36 1.72 -6.71 11.31
C PRO B 36 1.80 -6.72 12.84
N ASN B 37 1.77 -5.53 13.46
CA ASN B 37 2.04 -5.40 14.90
C ASN B 37 0.84 -5.10 15.80
N ILE B 38 -0.24 -4.65 15.22
CA ILE B 38 -1.36 -4.11 16.00
C ILE B 38 -2.00 -5.12 16.95
N ASN B 39 -1.88 -6.41 16.63
N ASN B 39 -1.92 -6.42 16.63
CA ASN B 39 -2.35 -7.51 17.51
CA ASN B 39 -2.44 -7.44 17.57
C ASN B 39 -1.83 -7.40 18.94
C ASN B 39 -1.87 -7.30 18.98
N ASP B 40 -0.59 -6.94 19.06
CA ASP B 40 0.05 -6.76 20.37
C ASP B 40 -0.64 -5.64 21.17
N PHE B 41 -1.01 -4.54 20.49
CA PHE B 41 -1.81 -3.47 21.09
C PHE B 41 -3.16 -3.99 21.58
N HIS B 42 -3.81 -4.79 20.74
CA HIS B 42 -5.11 -5.36 21.12
C HIS B 42 -5.03 -6.34 22.26
N GLN B 43 -3.91 -7.06 22.35
CA GLN B 43 -3.64 -7.92 23.50
C GLN B 43 -3.64 -7.07 24.78
N ARG B 44 -2.93 -5.94 24.75
CA ARG B 44 -2.89 -5.00 25.90
C ARG B 44 -4.22 -4.36 26.23
N HIS B 45 -4.92 -3.87 25.22
CA HIS B 45 -6.13 -3.06 25.37
C HIS B 45 -7.25 -3.58 24.46
N PRO B 46 -7.84 -4.73 24.82
CA PRO B 46 -8.81 -5.41 23.93
C PRO B 46 -10.06 -4.58 23.63
N ASN B 47 -10.41 -3.67 24.53
CA ASN B 47 -11.61 -2.82 24.42
C ASN B 47 -11.54 -1.66 23.43
N ILE B 48 -10.35 -1.39 22.89
CA ILE B 48 -10.16 -0.24 22.01
C ILE B 48 -10.10 -0.71 20.56
N ARG B 49 -11.18 -0.47 19.82
CA ARG B 49 -11.17 -0.70 18.37
C ARG B 49 -10.41 0.44 17.70
N VAL B 50 -9.76 0.13 16.58
CA VAL B 50 -8.93 1.07 15.84
C VAL B 50 -9.33 1.14 14.37
N LYS B 51 -9.52 2.36 13.88
CA LYS B 51 -9.69 2.61 12.48
C LYS B 51 -8.35 3.17 11.97
N ILE B 52 -7.74 2.47 11.02
CA ILE B 52 -6.47 2.91 10.46
C ILE B 52 -6.70 3.68 9.16
N LEU B 53 -6.45 4.97 9.18
CA LEU B 53 -6.45 5.79 7.98
C LEU B 53 -5.02 5.97 7.49
N THR B 54 -4.86 6.36 6.22
CA THR B 54 -3.54 6.65 5.68
C THR B 54 -3.47 8.04 5.06
N GLY B 55 -2.26 8.61 5.06
CA GLY B 55 -2.03 9.98 4.60
C GLY B 55 -0.54 10.27 4.72
N ASP B 56 -0.04 11.21 3.93
CA ASP B 56 1.37 11.63 4.08
C ASP B 56 1.55 13.13 3.99
N GLY B 57 0.46 13.87 4.15
CA GLY B 57 0.53 15.33 4.00
C GLY B 57 0.58 16.06 5.33
N ALA B 58 0.34 17.37 5.28
CA ALA B 58 0.28 18.23 6.46
C ALA B 58 -0.82 17.77 7.39
N VAL B 59 -0.62 17.97 8.69
CA VAL B 59 -1.60 17.55 9.72
C VAL B 59 -2.41 18.75 10.24
N GLY B 64 -8.82 16.75 11.39
CA GLY B 64 -9.86 16.70 12.41
C GLY B 64 -10.40 15.30 12.64
N GLU B 65 -10.41 14.47 11.60
CA GLU B 65 -10.98 13.13 11.69
C GLU B 65 -10.19 12.18 12.63
N SER B 66 -8.87 12.31 12.63
CA SER B 66 -8.04 11.39 13.37
C SER B 66 -7.67 11.88 14.77
N ASP B 67 -7.38 10.94 15.66
CA ASP B 67 -7.02 11.20 17.04
C ASP B 67 -5.52 11.26 17.25
N LEU B 68 -4.77 10.62 16.34
CA LEU B 68 -3.32 10.56 16.46
C LEU B 68 -2.84 10.34 15.05
N HIS B 69 -1.75 11.02 14.66
CA HIS B 69 -1.13 10.81 13.34
C HIS B 69 0.30 10.34 13.48
N VAL B 70 0.79 9.59 12.47
CA VAL B 70 2.24 9.31 12.39
C VAL B 70 2.71 9.85 11.03
N ARG B 71 3.70 10.73 11.06
CA ARG B 71 4.27 11.29 9.82
C ARG B 71 5.80 11.18 9.79
N CYS B 72 6.36 11.16 8.57
CA CYS B 72 7.79 11.11 8.35
C CYS B 72 8.22 12.50 7.99
N LEU B 73 9.06 13.10 8.83
CA LEU B 73 9.49 14.48 8.66
C LEU B 73 11.00 14.61 8.89
N PRO B 74 11.64 15.61 8.28
CA PRO B 74 13.02 15.95 8.60
C PRO B 74 13.17 16.10 10.12
N LEU B 75 14.26 15.60 10.69
CA LEU B 75 14.42 15.63 12.15
C LEU B 75 14.43 17.08 12.64
N SER B 76 13.53 17.37 13.58
CA SER B 76 13.39 18.71 14.13
C SER B 76 12.70 18.70 15.47
N THR B 77 13.02 19.72 16.26
CA THR B 77 12.48 19.91 17.60
C THR B 77 11.30 20.89 17.59
N HIS B 78 11.06 21.52 16.43
CA HIS B 78 10.09 22.62 16.30
C HIS B 78 8.69 22.23 15.81
N TYR B 79 8.34 20.95 15.92
CA TYR B 79 7.00 20.51 15.59
C TYR B 79 6.17 20.16 16.84
N GLU B 80 4.85 20.30 16.80
CA GLU B 80 4.05 21.33 17.39
C GLU B 80 3.15 20.14 17.80
N TYR B 81 3.05 19.83 19.10
CA TYR B 81 2.28 18.65 19.59
C TYR B 81 2.81 17.32 19.07
N SER B 82 4.13 17.25 18.90
CA SER B 82 4.74 16.08 18.28
C SER B 82 5.79 15.49 19.19
N GLN B 83 6.09 14.22 18.98
CA GLN B 83 7.13 13.52 19.71
C GLN B 83 7.75 12.56 18.75
N LEU B 84 9.07 12.59 18.68
CA LEU B 84 9.81 11.65 17.84
C LEU B 84 9.62 10.22 18.34
N LEU B 85 9.17 9.35 17.44
CA LEU B 85 9.06 7.93 17.69
C LEU B 85 10.43 7.27 17.51
N CYS B 86 10.98 7.45 16.32
CA CYS B 86 12.29 6.88 16.00
C CYS B 86 12.86 7.59 14.79
N GLU B 87 14.18 7.70 14.76
CA GLU B 87 14.86 8.16 13.56
C GLU B 87 14.71 7.12 12.42
N GLU B 88 14.75 7.60 11.18
CA GLU B 88 14.62 6.74 10.02
C GLU B 88 15.98 6.19 9.62
N THR B 89 16.10 4.87 9.70
CA THR B 89 17.28 4.17 9.21
C THR B 89 16.84 3.22 8.10
N LEU B 90 17.39 3.43 6.91
CA LEU B 90 16.98 2.62 5.76
C LEU B 90 17.91 1.45 5.53
N LEU B 91 17.31 0.31 5.17
CA LEU B 91 18.08 -0.87 4.75
C LEU B 91 18.00 -1.08 3.25
N LEU B 92 19.08 -1.58 2.69
CA LEU B 92 19.10 -2.00 1.30
C LEU B 92 18.40 -3.34 1.17
N ILE B 93 17.29 -3.38 0.42
CA ILE B 93 16.51 -4.63 0.29
C ILE B 93 16.51 -5.10 -1.16
N GLY B 94 16.46 -6.41 -1.35
CA GLY B 94 16.33 -7.00 -2.67
C GLY B 94 15.54 -8.29 -2.59
N ASN B 95 15.27 -8.87 -3.76
CA ASN B 95 14.49 -10.12 -3.86
C ASN B 95 15.22 -11.30 -3.16
N THR B 96 14.44 -12.25 -2.63
CA THR B 96 15.03 -13.37 -1.92
C THR B 96 15.84 -14.29 -2.86
N ASN B 97 15.65 -14.14 -4.18
CA ASN B 97 16.44 -14.92 -5.13
C ASN B 97 17.87 -14.40 -5.28
N LEU B 98 18.15 -13.20 -4.77
CA LEU B 98 19.50 -12.64 -4.97
C LEU B 98 20.56 -13.39 -4.21
N PRO B 99 21.73 -13.58 -4.84
CA PRO B 99 22.79 -14.22 -4.07
C PRO B 99 23.36 -13.23 -3.05
N LYS B 100 24.15 -13.73 -2.09
CA LYS B 100 24.69 -12.85 -1.06
C LYS B 100 25.93 -12.14 -1.60
N ASN B 104 29.85 -6.59 -2.77
CA ASN B 104 30.49 -5.33 -2.42
C ASN B 104 29.95 -4.18 -3.28
N GLN B 105 30.21 -4.27 -4.58
CA GLN B 105 29.66 -3.33 -5.56
C GLN B 105 29.11 -4.10 -6.77
N ALA B 106 29.00 -5.42 -6.60
CA ALA B 106 28.12 -6.26 -7.44
C ALA B 106 26.68 -5.76 -7.31
N ILE B 107 26.47 -4.90 -6.31
CA ILE B 107 25.20 -4.17 -6.09
C ILE B 107 24.82 -3.35 -7.31
N SER B 108 25.84 -2.77 -7.96
CA SER B 108 25.64 -1.90 -9.12
C SER B 108 25.04 -2.60 -10.34
N HIS B 109 25.17 -3.93 -10.40
N HIS B 109 25.16 -3.93 -10.43
CA HIS B 109 24.58 -4.73 -11.47
CA HIS B 109 24.55 -4.62 -11.57
C HIS B 109 23.05 -4.74 -11.47
C HIS B 109 23.07 -5.01 -11.34
N TYR B 110 22.46 -4.39 -10.33
CA TYR B 110 21.00 -4.39 -10.18
C TYR B 110 20.45 -2.99 -10.28
N PRO B 111 19.30 -2.83 -10.97
CA PRO B 111 18.64 -1.52 -11.04
C PRO B 111 18.28 -1.00 -9.64
N PHE B 112 18.34 0.32 -9.44
CA PHE B 112 17.88 0.94 -8.18
C PHE B 112 16.45 1.44 -8.38
N ILE B 113 15.57 1.11 -7.46
CA ILE B 113 14.20 1.55 -7.60
C ILE B 113 14.03 2.97 -7.04
N PRO B 114 13.58 3.91 -7.89
CA PRO B 114 13.41 5.28 -7.42
C PRO B 114 12.19 5.50 -6.58
N GLN B 115 12.35 6.27 -5.51
CA GLN B 115 11.21 6.72 -4.75
C GLN B 115 11.06 8.21 -4.96
N THR B 116 9.98 8.58 -5.63
CA THR B 116 9.93 9.90 -6.26
C THR B 116 9.70 11.03 -5.27
N THR B 117 9.22 10.69 -4.07
CA THR B 117 9.06 11.67 -3.01
C THR B 117 10.41 11.93 -2.32
N ARG B 118 11.31 10.96 -2.44
CA ARG B 118 12.57 11.00 -1.72
C ARG B 118 13.77 10.81 -2.68
N PRO B 119 13.94 11.72 -3.66
CA PRO B 119 15.01 11.50 -4.65
C PRO B 119 16.44 11.55 -4.07
N GLN B 120 16.67 12.28 -2.99
CA GLN B 120 18.04 12.36 -2.44
C GLN B 120 18.57 11.00 -1.95
N LEU B 121 17.68 10.07 -1.60
CA LEU B 121 18.09 8.81 -0.98
C LEU B 121 19.19 8.04 -1.74
N TRP B 122 19.02 7.83 -3.04
CA TRP B 122 20.07 7.11 -3.79
C TRP B 122 21.35 7.92 -3.95
N GLU B 123 21.20 9.23 -4.12
CA GLU B 123 22.36 10.13 -4.13
C GLU B 123 23.12 10.03 -2.82
N GLN B 124 22.38 10.00 -1.69
CA GLN B 124 23.03 9.84 -0.40
C GLN B 124 23.69 8.47 -0.29
N PHE B 125 22.98 7.43 -0.70
CA PHE B 125 23.54 6.08 -0.75
C PHE B 125 24.82 6.04 -1.58
N LYS B 126 24.80 6.70 -2.74
CA LYS B 126 26.00 6.76 -3.56
C LYS B 126 27.16 7.38 -2.76
N GLN B 127 26.81 8.16 -1.73
CA GLN B 127 27.75 8.82 -0.80
C GLN B 127 28.09 8.04 0.48
N GLU B 128 27.14 7.25 0.99
CA GLU B 128 27.40 6.34 2.12
C GLU B 128 28.39 5.21 1.78
N ASN B 129 28.76 5.12 0.49
CA ASN B 129 29.44 3.94 -0.06
C ASN B 129 30.28 4.27 -1.30
N ASP B 130 30.36 3.30 -2.21
CA ASP B 130 30.85 3.53 -3.58
C ASP B 130 32.31 3.95 -3.63
N ILE B 135 25.32 3.18 -12.17
CA ILE B 135 23.97 2.92 -11.66
C ILE B 135 22.89 3.03 -12.74
N THR B 136 22.03 2.01 -12.78
CA THR B 136 20.85 2.02 -13.62
C THR B 136 19.62 2.13 -12.71
N TYR B 137 18.72 3.04 -13.06
CA TYR B 137 17.47 3.16 -12.32
C TYR B 137 16.40 2.36 -13.03
N HIS B 138 15.55 1.70 -12.23
CA HIS B 138 14.41 1.01 -12.78
C HIS B 138 13.51 2.02 -13.47
N SER B 139 12.81 1.60 -14.52
CA SER B 139 12.00 2.54 -15.31
C SER B 139 10.65 2.93 -14.69
N VAL B 140 10.33 2.41 -13.51
CA VAL B 140 9.13 2.80 -12.79
C VAL B 140 9.55 3.34 -11.42
N GLY B 141 9.08 4.52 -11.08
CA GLY B 141 9.31 5.15 -9.79
C GLY B 141 8.02 5.16 -9.04
N PHE B 142 8.12 5.16 -7.71
CA PHE B 142 6.95 4.98 -6.84
C PHE B 142 6.93 6.01 -5.75
N GLU B 143 5.71 6.43 -5.39
CA GLU B 143 5.51 7.45 -4.40
C GLU B 143 5.82 6.99 -2.96
N HIS B 144 5.64 5.69 -2.72
CA HIS B 144 5.57 5.16 -1.36
C HIS B 144 6.44 3.92 -1.17
N PHE B 145 6.97 3.78 0.05
CA PHE B 145 7.79 2.61 0.40
C PHE B 145 7.07 1.29 0.07
N TYR B 146 5.77 1.18 0.33
CA TYR B 146 5.12 -0.13 0.18
C TYR B 146 5.10 -0.53 -1.30
N LEU B 147 5.09 0.47 -2.16
CA LEU B 147 5.14 0.17 -3.63
C LEU B 147 6.56 -0.28 -4.05
N ALA B 148 7.57 0.42 -3.54
CA ALA B 148 8.95 -0.02 -3.77
C ALA B 148 9.20 -1.46 -3.25
N CYS B 149 8.62 -1.79 -2.10
CA CYS B 149 8.73 -3.14 -1.52
C CYS B 149 8.10 -4.17 -2.45
N GLU B 150 6.90 -3.85 -3.00
CA GLU B 150 6.26 -4.75 -3.95
C GLU B 150 7.13 -4.92 -5.21
N ALA B 151 7.74 -3.83 -5.68
CA ALA B 151 8.65 -3.92 -6.85
C ALA B 151 9.86 -4.85 -6.56
N VAL B 152 10.35 -4.86 -5.30
CA VAL B 152 11.45 -5.76 -4.94
C VAL B 152 10.93 -7.21 -5.01
N ARG B 153 9.75 -7.47 -4.44
CA ARG B 153 9.13 -8.79 -4.59
C ARG B 153 8.94 -9.20 -6.06
N GLU B 155 11.06 -8.52 -8.30
CA GLU B 155 12.43 -8.67 -8.80
C GLU B 155 12.82 -7.54 -9.76
N LYS B 156 12.32 -6.35 -9.49
CA LYS B 156 12.64 -5.23 -10.39
C LYS B 156 13.93 -4.51 -10.05
N GLY B 157 14.47 -4.75 -8.86
CA GLY B 157 15.73 -4.14 -8.46
C GLY B 157 15.82 -4.03 -6.96
N LEU B 158 16.71 -3.14 -6.49
CA LEU B 158 16.89 -2.88 -5.05
C LEU B 158 16.17 -1.64 -4.60
N ALA B 159 15.82 -1.61 -3.32
CA ALA B 159 15.16 -0.46 -2.72
C ALA B 159 15.77 -0.16 -1.36
N LEU B 160 15.50 1.04 -0.88
CA LEU B 160 15.88 1.46 0.49
C LEU B 160 14.55 1.51 1.26
N LEU B 161 14.47 0.78 2.37
CA LEU B 161 13.24 0.67 3.15
C LEU B 161 13.56 0.88 4.64
N PRO B 162 12.73 1.68 5.37
CA PRO B 162 13.04 1.85 6.82
C PRO B 162 13.09 0.50 7.52
N ASP B 163 14.10 0.35 8.38
CA ASP B 163 14.34 -0.94 9.05
C ASP B 163 13.10 -1.57 9.70
N PHE B 164 12.36 -0.78 10.46
CA PHE B 164 11.16 -1.32 11.15
C PHE B 164 10.07 -1.74 10.15
N ALA B 166 10.85 -2.97 7.05
CA ALA B 166 11.36 -4.19 6.38
C ALA B 166 11.26 -5.41 7.29
N GLN B 167 11.21 -5.17 8.61
CA GLN B 167 11.40 -6.25 9.59
C GLN B 167 10.48 -7.45 9.38
N PHE B 168 9.18 -7.22 9.29
CA PHE B 168 8.30 -8.39 9.20
C PHE B 168 8.42 -9.06 7.84
N SER B 169 8.55 -8.21 6.81
CA SER B 169 8.63 -8.72 5.44
C SER B 169 9.88 -9.60 5.30
N ILE B 170 10.96 -9.20 5.96
CA ILE B 170 12.18 -10.03 5.97
C ILE B 170 11.91 -11.34 6.73
N LEU B 171 11.36 -11.18 7.92
CA LEU B 171 11.03 -12.33 8.78
C LEU B 171 10.24 -13.41 8.02
N ARG B 172 9.21 -12.99 7.29
CA ARG B 172 8.32 -13.94 6.61
C ARG B 172 8.80 -14.39 5.22
N GLY B 173 9.96 -13.89 4.80
CA GLY B 173 10.59 -14.40 3.61
C GLY B 173 10.14 -13.71 2.33
N ASP B 174 9.57 -12.49 2.42
CA ASP B 174 9.15 -11.76 1.22
C ASP B 174 10.33 -11.06 0.53
N ILE B 175 11.28 -10.59 1.34
CA ILE B 175 12.43 -9.79 0.84
C ILE B 175 13.67 -10.14 1.65
N GLN B 176 14.83 -9.64 1.21
CA GLN B 176 16.05 -9.83 2.05
C GLN B 176 16.82 -8.53 2.19
N HIS B 177 17.57 -8.42 3.29
CA HIS B 177 18.48 -7.31 3.54
C HIS B 177 19.78 -7.66 2.80
N ILE B 178 20.19 -6.74 1.93
CA ILE B 178 21.36 -6.93 1.09
C ILE B 178 22.60 -6.34 1.77
N GLY B 179 23.57 -7.21 2.04
CA GLY B 179 24.93 -6.82 2.45
C GLY B 179 25.04 -5.95 3.68
N ASN B 180 24.08 -6.11 4.59
CA ASN B 180 24.02 -5.33 5.82
C ASN B 180 24.15 -3.81 5.63
N LEU B 181 23.78 -3.35 4.44
CA LEU B 181 23.92 -1.95 4.08
C LEU B 181 22.75 -1.12 4.60
N LYS B 182 23.08 0.06 5.15
CA LYS B 182 22.08 1.00 5.69
C LYS B 182 22.38 2.47 5.36
N LEU B 183 21.39 3.32 5.61
CA LEU B 183 21.48 4.75 5.35
C LEU B 183 20.75 5.47 6.48
N HIS B 184 21.41 6.43 7.13
CA HIS B 184 20.72 7.34 8.05
C HIS B 184 20.29 8.55 7.25
N SER B 185 18.97 8.70 7.08
CA SER B 185 18.42 9.65 6.08
C SER B 185 18.29 11.07 6.58
N GLY B 186 18.30 11.27 7.90
CA GLY B 186 18.04 12.59 8.44
C GLY B 186 16.56 12.83 8.68
N TYR B 187 15.74 11.77 8.52
CA TYR B 187 14.30 11.88 8.77
C TYR B 187 13.93 11.15 10.06
N GLY B 188 12.74 11.43 10.57
CA GLY B 188 12.24 10.69 11.71
C GLY B 188 10.75 10.40 11.54
N TYR B 189 10.26 9.42 12.27
CA TYR B 189 8.82 9.20 12.41
C TYR B 189 8.31 9.86 13.66
N TYR B 190 7.35 10.78 13.49
CA TYR B 190 6.77 11.55 14.61
C TYR B 190 5.32 11.18 14.88
N VAL B 191 4.96 11.14 16.15
CA VAL B 191 3.55 11.05 16.55
C VAL B 191 3.08 12.49 16.71
N VAL B 192 1.97 12.80 16.06
CA VAL B 192 1.44 14.16 16.08
C VAL B 192 0.02 14.07 16.60
N ILE B 193 -0.24 14.76 17.71
CA ILE B 193 -1.51 14.65 18.42
C ILE B 193 -2.25 15.99 18.40
N PRO B 194 -3.55 15.99 17.98
CA PRO B 194 -4.41 17.17 18.02
C PRO B 194 -4.40 17.67 19.47
N ASN B 195 -4.31 18.99 19.68
CA ASN B 195 -4.15 19.57 21.03
C ASN B 195 -5.16 19.06 22.07
N PHE B 196 -6.43 18.95 21.64
CA PHE B 196 -7.50 18.48 22.51
C PHE B 196 -7.40 16.97 22.84
N ARG B 197 -6.60 16.24 22.08
CA ARG B 197 -6.38 14.83 22.35
C ARG B 197 -5.18 14.57 23.27
N LEU B 198 -4.50 15.62 23.71
CA LEU B 198 -3.27 15.44 24.49
C LEU B 198 -3.52 14.75 25.82
N THR B 199 -4.76 14.80 26.29
CA THR B 199 -5.15 14.18 27.56
C THR B 199 -6.18 13.05 27.37
N SER B 200 -6.37 12.64 26.12
CA SER B 200 -7.23 11.48 25.83
C SER B 200 -6.50 10.18 26.24
N ARG B 201 -7.16 9.36 27.08
CA ARG B 201 -6.59 8.09 27.54
C ARG B 201 -6.30 7.10 26.38
N LYS B 202 -7.28 6.87 25.49
CA LYS B 202 -7.09 5.91 24.40
C LYS B 202 -5.84 6.28 23.57
N VAL B 203 -5.71 7.58 23.32
CA VAL B 203 -4.57 8.15 22.59
C VAL B 203 -3.24 7.98 23.33
N ALA B 204 -3.19 8.32 24.62
CA ALA B 204 -1.96 8.13 25.38
C ALA B 204 -1.55 6.67 25.44
N LEU B 205 -2.54 5.76 25.50
CA LEU B 205 -2.24 4.32 25.56
C LEU B 205 -1.62 3.81 24.24
N PHE B 206 -2.18 4.25 23.13
CA PHE B 206 -1.65 3.86 21.82
C PHE B 206 -0.25 4.46 21.63
N HIS B 207 -0.11 5.74 22.01
CA HIS B 207 1.16 6.40 21.89
C HIS B 207 2.25 5.69 22.71
N ASP B 208 1.95 5.36 23.96
CA ASP B 208 2.90 4.63 24.80
C ASP B 208 3.26 3.29 24.19
N TRP B 209 2.26 2.62 23.59
CA TRP B 209 2.50 1.37 22.91
C TRP B 209 3.47 1.54 21.73
N LEU B 210 3.22 2.55 20.91
CA LEU B 210 4.09 2.86 19.81
C LEU B 210 5.51 3.08 20.32
N LYS B 211 5.64 3.89 21.37
CA LYS B 211 6.97 4.18 21.96
C LYS B 211 7.67 2.91 22.41
N ASP B 212 6.94 2.07 23.18
CA ASP B 212 7.42 0.74 23.57
C ASP B 212 7.96 -0.10 22.40
N LYS B 213 7.25 -0.14 21.27
CA LYS B 213 7.69 -1.01 20.19
C LYS B 213 8.79 -0.39 19.30
N LEU B 214 8.79 0.94 19.19
CA LEU B 214 9.64 1.63 18.19
C LEU B 214 10.78 2.54 18.71
N THR B 215 10.90 2.73 20.02
CA THR B 215 12.06 3.49 20.59
C THR B 215 13.39 3.15 19.93
#